data_2ZV9
#
_entry.id   2ZV9
#
_cell.length_a   128.468
_cell.length_b   128.468
_cell.length_c   54.169
_cell.angle_alpha   90.00
_cell.angle_beta   90.00
_cell.angle_gamma   120.00
#
_symmetry.space_group_name_H-M   'H 3'
#
loop_
_entity.id
_entity.type
_entity.pdbx_description
1 polymer 'Tyrosine-protein kinase Lyn'
2 non-polymer 1-TERT-BUTYL-3-(4-CHLORO-PHENYL)-1H-PYRAZOLO[3,4-D]PYRIMIDIN-4-YLAMINE
3 water water
#
_entity_poly.entity_id   1
_entity_poly.type   'polypeptide(L)'
_entity_poly.pdbx_seq_one_letter_code
;GAMDPAWEIPRESIKLVKKLGAGQFGEVWMGYYNNSTKVAVKTLKPGTMSVQAFLEEANLMKTLQHDKLVRLYAVVTKEE
PIYIITEFMAKGSLLDFLKSDEGGKVLLPKLIDFSAQIAEGMAYIERKNYIHRDLRAANVLVSESLMCKIADFGLARVIE
DNEYTAREGAKFPIKWTAPEAINFGCFTIKSNVWSFGILLYEIVTYGKIPYPGRTNADVMSALSQGYRMPRMENCPDELY
DIMKMCWKEKAEERPTFDYLQSVLDDFYTATEGQYQQQP
;
_entity_poly.pdbx_strand_id   A
#
# COMPACT_ATOMS: atom_id res chain seq x y z
N PRO A 5 22.31 -13.40 3.92
CA PRO A 5 22.27 -13.83 5.32
C PRO A 5 21.33 -15.02 5.52
N ALA A 6 20.44 -14.91 6.51
CA ALA A 6 19.39 -15.90 6.71
C ALA A 6 18.11 -15.50 5.98
N TRP A 7 18.25 -15.19 4.70
CA TRP A 7 17.10 -14.96 3.86
C TRP A 7 17.29 -15.61 2.51
N GLU A 8 18.52 -15.96 2.19
CA GLU A 8 18.78 -16.70 0.96
C GLU A 8 18.33 -18.16 1.08
N ILE A 9 17.58 -18.62 0.08
CA ILE A 9 17.16 -20.03 0.00
C ILE A 9 17.44 -20.59 -1.40
N PRO A 10 17.75 -21.91 -1.49
CA PRO A 10 17.98 -22.50 -2.82
C PRO A 10 16.72 -22.52 -3.67
N ARG A 11 16.83 -22.07 -4.91
CA ARG A 11 15.73 -22.14 -5.85
C ARG A 11 14.89 -23.39 -5.64
N GLU A 12 15.53 -24.55 -5.75
CA GLU A 12 14.84 -25.82 -5.58
C GLU A 12 13.58 -25.66 -4.75
N SER A 13 13.72 -25.02 -3.59
CA SER A 13 12.73 -25.15 -2.52
C SER A 13 11.50 -24.30 -2.80
N ILE A 14 11.39 -23.81 -4.04
CA ILE A 14 10.26 -22.96 -4.43
C ILE A 14 9.60 -23.46 -5.71
N LYS A 15 8.29 -23.71 -5.64
CA LYS A 15 7.52 -24.09 -6.81
C LYS A 15 6.50 -23.00 -7.19
N LEU A 16 6.67 -22.43 -8.38
CA LEU A 16 5.74 -21.44 -8.93
C LEU A 16 4.58 -22.17 -9.64
N VAL A 17 3.38 -22.04 -9.10
CA VAL A 17 2.21 -22.74 -9.64
C VAL A 17 1.42 -21.89 -10.65
N LYS A 18 0.85 -20.78 -10.19
CA LYS A 18 -0.04 -19.95 -11.01
C LYS A 18 0.36 -18.48 -10.97
N LYS A 19 0.41 -17.85 -12.15
CA LYS A 19 0.70 -16.44 -12.29
C LYS A 19 -0.42 -15.61 -11.67
N LEU A 20 -0.08 -14.47 -11.07
CA LEU A 20 -1.07 -13.62 -10.41
C LEU A 20 -1.10 -12.20 -10.98
N GLY A 21 -0.04 -11.78 -11.64
CA GLY A 21 0.00 -10.47 -12.29
C GLY A 21 1.29 -10.14 -13.03
N ALA A 22 1.15 -9.66 -14.25
CA ALA A 22 2.28 -9.22 -15.07
C ALA A 22 2.52 -7.72 -14.92
N GLY A 23 3.79 -7.33 -14.85
CA GLY A 23 4.17 -5.93 -14.87
C GLY A 23 5.14 -5.68 -15.99
N GLN A 24 5.53 -4.42 -16.18
CA GLN A 24 6.62 -4.09 -17.09
C GLN A 24 7.95 -4.21 -16.35
N PHE A 25 7.90 -4.77 -15.14
CA PHE A 25 9.05 -4.92 -14.26
C PHE A 25 9.24 -6.37 -13.82
N GLY A 26 8.13 -7.09 -13.68
CA GLY A 26 8.18 -8.51 -13.36
C GLY A 26 6.82 -9.14 -13.17
N GLU A 27 6.83 -10.38 -12.69
CA GLU A 27 5.60 -11.12 -12.43
C GLU A 27 5.41 -11.38 -10.93
N VAL A 28 4.18 -11.71 -10.55
CA VAL A 28 3.90 -12.22 -9.21
C VAL A 28 3.21 -13.58 -9.36
N TRP A 29 3.75 -14.59 -8.68
CA TRP A 29 3.23 -15.95 -8.76
C TRP A 29 2.80 -16.47 -7.39
N MET A 30 1.75 -17.28 -7.36
CA MET A 30 1.44 -18.07 -6.18
C MET A 30 2.24 -19.36 -6.28
N GLY A 31 2.88 -19.76 -5.18
CA GLY A 31 3.70 -20.95 -5.17
C GLY A 31 3.84 -21.61 -3.82
N TYR A 32 4.73 -22.60 -3.76
CA TYR A 32 4.94 -23.37 -2.53
C TYR A 32 6.41 -23.43 -2.11
N TYR A 33 6.66 -23.11 -0.84
CA TYR A 33 7.99 -23.30 -0.25
C TYR A 33 8.08 -24.74 0.25
N ASN A 34 9.04 -25.48 -0.32
CA ASN A 34 9.16 -26.94 -0.17
C ASN A 34 7.84 -27.68 0.11
N ASN A 35 6.86 -27.43 -0.76
CA ASN A 35 5.57 -28.14 -0.78
C ASN A 35 4.62 -27.84 0.38
N SER A 36 5.16 -27.43 1.52
CA SER A 36 4.35 -27.24 2.73
C SER A 36 3.62 -25.91 2.76
N THR A 37 4.37 -24.82 2.58
CA THR A 37 3.85 -23.47 2.81
C THR A 37 3.49 -22.73 1.52
N LYS A 38 2.26 -22.22 1.47
CA LYS A 38 1.78 -21.38 0.38
C LYS A 38 2.48 -20.04 0.52
N VAL A 39 3.09 -19.59 -0.58
CA VAL A 39 3.83 -18.32 -0.63
C VAL A 39 3.55 -17.57 -1.93
N ALA A 40 3.86 -16.28 -1.95
CA ALA A 40 3.86 -15.51 -3.20
C ALA A 40 5.29 -15.29 -3.65
N VAL A 41 5.51 -15.24 -4.96
CA VAL A 41 6.85 -15.04 -5.51
C VAL A 41 6.87 -13.82 -6.44
N LYS A 42 7.62 -12.79 -6.04
CA LYS A 42 7.81 -11.61 -6.90
C LYS A 42 9.00 -11.80 -7.84
N THR A 43 8.69 -11.98 -9.12
CA THR A 43 9.67 -12.22 -10.18
C THR A 43 10.23 -10.92 -10.74
N LEU A 44 11.53 -10.87 -10.97
CA LEU A 44 12.16 -9.76 -11.67
C LEU A 44 12.43 -10.15 -13.12
N LYS A 45 11.94 -9.34 -14.05
CA LYS A 45 12.25 -9.53 -15.47
C LYS A 45 13.59 -8.87 -15.78
N PRO A 46 14.60 -9.67 -16.14
CA PRO A 46 15.99 -9.21 -16.24
C PRO A 46 16.18 -8.07 -17.23
N GLY A 47 17.11 -7.17 -16.93
CA GLY A 47 17.38 -6.02 -17.78
C GLY A 47 16.56 -4.79 -17.42
N THR A 48 15.42 -5.01 -16.78
CA THR A 48 14.46 -3.96 -16.41
C THR A 48 15.02 -2.98 -15.37
N MET A 49 15.47 -3.51 -14.23
CA MET A 49 16.47 -2.85 -13.42
C MET A 49 17.66 -3.77 -13.14
N SER A 50 18.65 -3.26 -12.43
CA SER A 50 18.55 -3.10 -10.98
C SER A 50 18.10 -4.40 -10.32
N VAL A 51 18.84 -5.48 -10.57
CA VAL A 51 18.79 -6.66 -9.73
C VAL A 51 19.18 -6.34 -8.30
N GLN A 52 19.50 -5.07 -8.04
CA GLN A 52 19.69 -4.58 -6.68
C GLN A 52 18.45 -3.83 -6.20
N ALA A 53 18.08 -2.77 -6.91
CA ALA A 53 16.98 -1.91 -6.49
C ALA A 53 15.66 -2.68 -6.48
N PHE A 54 15.59 -3.76 -7.26
CA PHE A 54 14.56 -4.73 -7.11
C PHE A 54 14.56 -5.34 -5.74
N LEU A 55 15.74 -5.48 -5.16
CA LEU A 55 15.90 -6.09 -3.84
C LEU A 55 15.79 -5.08 -2.70
N GLU A 56 15.93 -3.79 -3.01
CA GLU A 56 15.74 -2.73 -2.02
C GLU A 56 14.43 -2.94 -1.27
N GLU A 57 13.40 -3.33 -2.00
CA GLU A 57 12.09 -3.62 -1.45
C GLU A 57 12.19 -4.71 -0.38
N ALA A 58 12.81 -5.82 -0.75
CA ALA A 58 13.03 -6.95 0.16
C ALA A 58 13.92 -6.53 1.33
N ASN A 59 15.00 -5.82 1.05
CA ASN A 59 15.91 -5.36 2.09
C ASN A 59 15.19 -4.53 3.15
N LEU A 60 14.26 -3.69 2.70
CA LEU A 60 13.44 -2.87 3.58
C LEU A 60 12.51 -3.70 4.47
N MET A 61 11.93 -4.76 3.88
CA MET A 61 11.03 -5.66 4.58
C MET A 61 11.71 -6.46 5.70
N LYS A 62 13.03 -6.66 5.58
CA LYS A 62 13.83 -7.34 6.61
C LYS A 62 13.77 -6.60 7.94
N THR A 63 13.52 -5.29 7.87
CA THR A 63 13.50 -4.41 9.04
C THR A 63 12.07 -4.14 9.49
N LEU A 64 11.16 -4.01 8.53
CA LEU A 64 9.77 -3.65 8.79
C LEU A 64 8.88 -4.88 8.98
N GLN A 65 8.83 -5.37 10.21
CA GLN A 65 8.07 -6.57 10.52
C GLN A 65 6.96 -6.31 11.54
N HIS A 66 5.76 -6.14 11.01
CA HIS A 66 4.56 -5.93 11.80
C HIS A 66 3.47 -6.80 11.19
N ASP A 67 2.46 -7.13 11.98
CA ASP A 67 1.39 -8.03 11.55
C ASP A 67 0.52 -7.47 10.43
N LYS A 68 0.40 -6.15 10.35
CA LYS A 68 -0.39 -5.52 9.31
C LYS A 68 0.49 -4.97 8.18
N LEU A 69 1.65 -5.61 8.02
CA LEU A 69 2.57 -5.41 6.91
C LEU A 69 2.90 -6.79 6.34
N VAL A 70 2.79 -6.93 5.02
CA VAL A 70 3.14 -8.19 4.34
C VAL A 70 4.53 -8.65 4.77
N ARG A 71 4.63 -9.90 5.21
CA ARG A 71 5.86 -10.42 5.77
C ARG A 71 6.70 -11.03 4.66
N LEU A 72 7.99 -10.71 4.67
CA LEU A 72 8.95 -11.38 3.81
C LEU A 72 9.25 -12.73 4.44
N TYR A 73 9.43 -13.75 3.61
CA TYR A 73 9.86 -15.06 4.10
C TYR A 73 11.31 -15.36 3.71
N ALA A 74 11.66 -15.04 2.46
CA ALA A 74 12.98 -15.38 1.89
C ALA A 74 13.22 -14.74 0.52
N VAL A 75 14.42 -14.96 -0.02
CA VAL A 75 14.80 -14.48 -1.36
C VAL A 75 15.65 -15.51 -2.11
N VAL A 76 15.62 -15.45 -3.44
CA VAL A 76 16.51 -16.24 -4.28
C VAL A 76 17.29 -15.29 -5.20
N THR A 77 18.58 -15.11 -4.91
CA THR A 77 19.38 -14.10 -5.59
C THR A 77 20.75 -14.63 -6.05
N LYS A 78 20.75 -15.76 -6.74
CA LYS A 78 21.99 -16.39 -7.19
C LYS A 78 21.92 -16.80 -8.65
N GLU A 79 20.74 -17.19 -9.11
CA GLU A 79 20.53 -17.49 -10.53
C GLU A 79 19.87 -16.29 -11.19
N GLU A 80 19.76 -16.34 -12.52
CA GLU A 80 19.38 -15.17 -13.31
C GLU A 80 17.95 -14.62 -13.07
N PRO A 81 16.94 -15.51 -12.85
CA PRO A 81 15.66 -14.93 -12.38
C PRO A 81 15.60 -14.76 -10.86
N ILE A 82 15.57 -13.51 -10.39
CA ILE A 82 15.54 -13.20 -8.94
C ILE A 82 14.13 -13.19 -8.37
N TYR A 83 13.96 -13.82 -7.20
CA TYR A 83 12.66 -13.94 -6.52
C TYR A 83 12.64 -13.25 -5.15
N ILE A 84 11.50 -12.64 -4.82
CA ILE A 84 11.21 -12.19 -3.45
C ILE A 84 10.02 -13.00 -2.94
N ILE A 85 10.25 -13.79 -1.90
CA ILE A 85 9.24 -14.72 -1.41
C ILE A 85 8.61 -14.19 -0.14
N THR A 86 7.29 -13.99 -0.21
CA THR A 86 6.54 -13.43 0.91
C THR A 86 5.33 -14.27 1.29
N GLU A 87 4.74 -13.87 2.42
CA GLU A 87 3.43 -14.28 2.88
C GLU A 87 2.43 -14.16 1.73
N PHE A 88 1.65 -15.21 1.49
CA PHE A 88 0.65 -15.18 0.44
C PHE A 88 -0.68 -14.60 0.93
N MET A 89 -1.22 -13.67 0.15
CA MET A 89 -2.45 -12.97 0.50
C MET A 89 -3.56 -13.38 -0.47
N ALA A 90 -4.48 -14.19 0.03
CA ALA A 90 -5.43 -14.92 -0.83
C ALA A 90 -6.31 -14.02 -1.71
N LYS A 91 -6.78 -12.91 -1.16
CA LYS A 91 -7.76 -12.05 -1.84
C LYS A 91 -7.13 -10.96 -2.73
N GLY A 92 -5.82 -11.02 -2.92
CA GLY A 92 -5.10 -10.05 -3.76
C GLY A 92 -5.04 -8.66 -3.17
N SER A 93 -4.95 -7.65 -4.01
CA SER A 93 -4.84 -6.27 -3.55
C SER A 93 -6.19 -5.72 -3.11
N LEU A 94 -6.16 -4.79 -2.16
CA LEU A 94 -7.39 -4.20 -1.64
C LEU A 94 -8.23 -3.54 -2.73
N LEU A 95 -7.57 -2.86 -3.67
CA LEU A 95 -8.24 -2.29 -4.83
C LEU A 95 -9.02 -3.35 -5.61
N ASP A 96 -8.33 -4.39 -6.07
CA ASP A 96 -8.95 -5.46 -6.85
C ASP A 96 -10.15 -6.02 -6.11
N PHE A 97 -9.93 -6.33 -4.83
CA PHE A 97 -10.93 -6.94 -3.99
C PHE A 97 -12.21 -6.11 -3.90
N LEU A 98 -12.07 -4.83 -3.54
CA LEU A 98 -13.24 -3.93 -3.39
C LEU A 98 -14.08 -3.83 -4.66
N LYS A 99 -13.46 -4.11 -5.81
CA LYS A 99 -14.11 -4.03 -7.10
C LYS A 99 -14.77 -5.33 -7.51
N SER A 100 -14.36 -6.43 -6.91
CA SER A 100 -14.94 -7.73 -7.23
C SER A 100 -16.38 -7.84 -6.71
N ASP A 101 -17.16 -8.75 -7.28
CA ASP A 101 -18.55 -8.97 -6.85
C ASP A 101 -18.63 -9.15 -5.34
N GLU A 102 -17.71 -9.94 -4.80
CA GLU A 102 -17.63 -10.19 -3.36
C GLU A 102 -17.31 -8.93 -2.58
N GLY A 103 -16.39 -8.12 -3.10
CA GLY A 103 -16.04 -6.84 -2.47
C GLY A 103 -17.15 -5.82 -2.53
N GLY A 104 -17.94 -5.85 -3.60
CA GLY A 104 -19.05 -4.92 -3.75
C GLY A 104 -20.16 -5.14 -2.74
N LYS A 105 -20.10 -6.28 -2.04
CA LYS A 105 -21.13 -6.66 -1.09
C LYS A 105 -20.60 -6.75 0.35
N VAL A 106 -19.64 -5.89 0.68
CA VAL A 106 -19.20 -5.71 2.06
C VAL A 106 -19.56 -4.31 2.55
N LEU A 107 -20.32 -4.24 3.64
CA LEU A 107 -20.85 -2.99 4.17
C LEU A 107 -19.80 -2.21 4.93
N LEU A 108 -20.12 -0.97 5.26
CA LEU A 108 -19.19 -0.06 5.94
C LEU A 108 -18.55 -0.64 7.21
N PRO A 109 -19.33 -1.35 8.05
CA PRO A 109 -18.72 -2.08 9.15
C PRO A 109 -17.30 -2.56 8.84
N LYS A 110 -17.16 -3.38 7.81
CA LYS A 110 -15.88 -4.00 7.48
C LYS A 110 -14.94 -3.05 6.77
N LEU A 111 -15.51 -2.10 6.03
CA LEU A 111 -14.72 -1.10 5.31
C LEU A 111 -13.92 -0.26 6.29
N ILE A 112 -14.60 0.18 7.35
CA ILE A 112 -13.97 0.99 8.40
C ILE A 112 -12.90 0.16 9.09
N ASP A 113 -13.19 -1.13 9.29
CA ASP A 113 -12.20 -2.05 9.83
C ASP A 113 -10.96 -2.16 8.94
N PHE A 114 -11.18 -2.27 7.63
CA PHE A 114 -10.10 -2.32 6.65
C PHE A 114 -9.23 -1.08 6.83
N SER A 115 -9.91 0.06 6.87
CA SER A 115 -9.32 1.37 7.05
C SER A 115 -8.48 1.46 8.32
N ALA A 116 -9.00 0.94 9.42
CA ALA A 116 -8.34 1.01 10.72
C ALA A 116 -7.15 0.08 10.83
N GLN A 117 -7.20 -1.04 10.10
CA GLN A 117 -6.08 -1.98 10.03
C GLN A 117 -4.89 -1.35 9.34
N ILE A 118 -5.17 -0.59 8.29
CA ILE A 118 -4.14 0.09 7.52
C ILE A 118 -3.53 1.19 8.37
N ALA A 119 -4.40 1.91 9.09
CA ALA A 119 -3.96 2.95 10.02
C ALA A 119 -3.07 2.36 11.11
N GLU A 120 -3.27 1.09 11.42
CA GLU A 120 -2.49 0.41 12.43
C GLU A 120 -1.07 0.15 11.93
N GLY A 121 -0.94 -0.42 10.74
CA GLY A 121 0.36 -0.74 10.14
C GLY A 121 1.17 0.52 9.92
N MET A 122 0.48 1.56 9.50
CA MET A 122 1.07 2.89 9.34
C MET A 122 1.53 3.50 10.67
N ALA A 123 0.86 3.14 11.77
CA ALA A 123 1.25 3.62 13.09
C ALA A 123 2.54 2.94 13.54
N TYR A 124 2.82 1.77 12.97
CA TYR A 124 4.08 1.06 13.23
C TYR A 124 5.22 1.74 12.49
N ILE A 125 4.95 2.10 11.24
CA ILE A 125 5.92 2.72 10.35
C ILE A 125 6.32 4.11 10.85
N GLU A 126 5.37 4.88 11.39
CA GLU A 126 5.69 6.17 11.99
C GLU A 126 6.56 6.00 13.23
N ARG A 127 6.24 4.98 14.02
CA ARG A 127 6.92 4.67 15.27
C ARG A 127 8.36 4.26 14.96
N LYS A 128 8.46 3.21 14.13
CA LYS A 128 9.69 2.80 13.43
C LYS A 128 10.50 3.93 12.74
N ASN A 129 9.88 5.11 12.56
CA ASN A 129 10.51 6.29 11.93
C ASN A 129 10.72 6.23 10.41
N TYR A 130 9.81 5.55 9.71
CA TYR A 130 9.91 5.39 8.27
C TYR A 130 8.78 6.13 7.58
N ILE A 131 8.86 6.20 6.25
CA ILE A 131 7.77 6.70 5.40
C ILE A 131 7.54 5.71 4.25
N HIS A 132 6.29 5.56 3.82
CA HIS A 132 5.96 4.64 2.73
C HIS A 132 6.09 5.29 1.34
N ARG A 133 5.51 6.49 1.20
CA ARG A 133 5.58 7.30 -0.03
C ARG A 133 4.64 6.84 -1.15
N ASP A 134 4.13 5.62 -1.05
CA ASP A 134 3.33 5.00 -2.12
C ASP A 134 2.10 4.28 -1.54
N LEU A 135 1.38 4.97 -0.65
CA LEU A 135 0.31 4.35 0.10
C LEU A 135 -1.04 4.52 -0.60
N ARG A 136 -1.66 3.39 -0.91
CA ARG A 136 -2.90 3.33 -1.66
C ARG A 136 -3.42 1.90 -1.75
N ALA A 137 -4.70 1.76 -2.06
CA ALA A 137 -5.37 0.46 -2.08
C ALA A 137 -4.70 -0.61 -2.94
N ALA A 138 -4.06 -0.21 -4.03
CA ALA A 138 -3.38 -1.18 -4.89
C ALA A 138 -2.13 -1.75 -4.20
N ASN A 139 -1.66 -1.03 -3.18
CA ASN A 139 -0.48 -1.41 -2.42
C ASN A 139 -0.81 -1.96 -1.03
N VAL A 140 -2.09 -2.29 -0.85
CA VAL A 140 -2.55 -3.01 0.33
C VAL A 140 -3.07 -4.37 -0.13
N LEU A 141 -2.69 -5.42 0.58
CA LEU A 141 -3.10 -6.78 0.22
C LEU A 141 -4.07 -7.36 1.25
N VAL A 142 -4.93 -8.29 0.82
CA VAL A 142 -5.96 -8.89 1.67
C VAL A 142 -5.88 -10.43 1.67
N SER A 143 -5.85 -11.04 2.86
CA SER A 143 -5.80 -12.50 2.95
C SER A 143 -7.20 -13.08 3.08
N GLU A 144 -7.27 -14.40 3.31
CA GLU A 144 -8.53 -15.12 3.46
C GLU A 144 -9.35 -14.60 4.65
N SER A 145 -8.70 -14.41 5.79
CA SER A 145 -9.34 -13.90 7.00
C SER A 145 -9.69 -12.40 6.92
N LEU A 146 -9.66 -11.86 5.69
CA LEU A 146 -9.91 -10.44 5.40
C LEU A 146 -8.98 -9.48 6.16
N MET A 147 -7.74 -9.90 6.35
CA MET A 147 -6.73 -9.04 6.96
C MET A 147 -6.11 -8.16 5.90
N CYS A 148 -6.02 -6.86 6.18
CA CYS A 148 -5.29 -5.94 5.31
C CYS A 148 -3.84 -5.80 5.76
N LYS A 149 -2.93 -5.95 4.81
CA LYS A 149 -1.51 -5.78 5.10
C LYS A 149 -0.89 -4.88 4.04
N ILE A 150 0.00 -3.99 4.48
CA ILE A 150 0.65 -3.02 3.60
C ILE A 150 1.81 -3.69 2.87
N ALA A 151 1.86 -3.50 1.55
CA ALA A 151 2.94 -4.04 0.73
C ALA A 151 3.65 -2.95 -0.07
N ASP A 152 4.47 -3.36 -1.04
CA ASP A 152 5.16 -2.44 -1.95
C ASP A 152 5.95 -1.33 -1.25
N PHE A 153 7.11 -1.69 -0.73
CA PHE A 153 7.97 -0.75 -0.05
C PHE A 153 9.08 -0.26 -0.98
N GLY A 154 8.77 -0.25 -2.28
CA GLY A 154 9.70 0.25 -3.29
C GLY A 154 10.14 1.67 -3.02
N LEU A 155 9.20 2.49 -2.58
CA LEU A 155 9.44 3.92 -2.34
C LEU A 155 9.65 4.27 -0.87
N ALA A 156 9.56 3.26 0.01
CA ALA A 156 9.74 3.47 1.44
C ALA A 156 11.15 3.95 1.77
N ARG A 157 11.26 4.92 2.68
CA ARG A 157 12.54 5.51 3.09
C ARG A 157 12.62 5.75 4.60
N VAL A 158 13.85 5.89 5.11
CA VAL A 158 14.11 6.13 6.55
C VAL A 158 14.29 7.63 6.87
N ILE A 159 14.40 8.46 5.83
CA ILE A 159 14.58 9.91 5.99
C ILE A 159 13.26 10.59 6.41
N GLU A 168 15.35 4.31 -7.19
CA GLU A 168 14.96 4.74 -8.52
C GLU A 168 14.55 3.56 -9.39
N GLY A 169 13.24 3.33 -9.49
CA GLY A 169 12.64 2.87 -10.73
C GLY A 169 11.21 3.32 -10.89
N ALA A 170 10.92 4.52 -10.38
CA ALA A 170 10.08 4.65 -9.19
C ALA A 170 8.66 5.07 -9.57
N LYS A 171 8.33 6.34 -9.36
CA LYS A 171 7.08 6.90 -9.81
C LYS A 171 6.05 6.95 -8.68
N PHE A 172 6.11 8.01 -7.88
CA PHE A 172 5.18 8.19 -6.77
C PHE A 172 3.78 8.55 -7.31
N PRO A 173 2.72 8.16 -6.58
CA PRO A 173 1.40 8.27 -7.20
C PRO A 173 0.83 9.69 -7.03
N ILE A 174 0.88 10.47 -8.11
CA ILE A 174 0.50 11.88 -8.06
C ILE A 174 -0.80 12.11 -7.28
N LYS A 175 -1.85 11.40 -7.66
CA LYS A 175 -3.19 11.64 -7.09
C LYS A 175 -3.30 11.23 -5.63
N TRP A 176 -2.23 10.60 -5.11
CA TRP A 176 -2.16 10.16 -3.72
C TRP A 176 -1.14 10.95 -2.91
N THR A 177 -0.35 11.79 -3.59
CA THR A 177 0.78 12.50 -2.98
C THR A 177 0.41 13.89 -2.43
N ALA A 178 0.85 14.18 -1.20
CA ALA A 178 0.58 15.47 -0.53
C ALA A 178 1.17 16.67 -1.29
N PRO A 179 0.49 17.83 -1.23
CA PRO A 179 0.89 18.98 -2.02
C PRO A 179 2.32 19.46 -1.72
N GLU A 180 2.74 19.44 -0.46
CA GLU A 180 4.09 19.88 -0.12
C GLU A 180 5.15 18.88 -0.61
N ALA A 181 4.72 17.62 -0.77
CA ALA A 181 5.58 16.59 -1.33
C ALA A 181 5.73 16.76 -2.84
N ILE A 182 4.66 17.19 -3.52
CA ILE A 182 4.71 17.43 -4.95
C ILE A 182 5.51 18.67 -5.27
N ASN A 183 5.20 19.75 -4.55
CA ASN A 183 5.74 21.08 -4.84
C ASN A 183 7.12 21.38 -4.27
N PHE A 184 7.46 20.77 -3.13
CA PHE A 184 8.73 21.05 -2.48
C PHE A 184 9.51 19.79 -2.17
N GLY A 185 9.08 18.67 -2.75
CA GLY A 185 9.77 17.39 -2.59
C GLY A 185 9.85 16.91 -1.14
N CYS A 186 8.92 17.39 -0.33
CA CYS A 186 8.96 17.20 1.10
C CYS A 186 8.09 16.01 1.56
N PHE A 187 8.68 14.81 1.57
CA PHE A 187 8.01 13.58 1.99
C PHE A 187 8.29 13.28 3.44
N THR A 188 7.22 13.20 4.22
CA THR A 188 7.29 12.95 5.64
C THR A 188 6.17 12.01 6.00
N ILE A 189 6.13 11.56 7.25
CA ILE A 189 5.04 10.70 7.70
C ILE A 189 3.71 11.43 7.51
N LYS A 190 3.74 12.76 7.62
CA LYS A 190 2.53 13.55 7.50
C LYS A 190 2.03 13.57 6.05
N SER A 191 2.95 13.42 5.09
CA SER A 191 2.56 13.32 3.69
C SER A 191 1.90 11.97 3.44
N ASN A 192 2.32 10.96 4.17
CA ASN A 192 1.67 9.65 4.11
C ASN A 192 0.25 9.74 4.65
N VAL A 193 0.04 10.58 5.67
CA VAL A 193 -1.30 10.77 6.24
C VAL A 193 -2.22 11.30 5.15
N TRP A 194 -1.73 12.27 4.37
CA TRP A 194 -2.46 12.72 3.20
C TRP A 194 -2.88 11.55 2.34
N SER A 195 -1.90 10.72 1.96
CA SER A 195 -2.14 9.56 1.11
C SER A 195 -3.17 8.61 1.70
N PHE A 196 -3.18 8.48 3.02
CA PHE A 196 -4.14 7.64 3.72
C PHE A 196 -5.59 8.14 3.55
N GLY A 197 -5.76 9.46 3.60
CA GLY A 197 -7.08 10.07 3.42
C GLY A 197 -7.62 9.77 2.04
N ILE A 198 -6.74 9.77 1.05
CA ILE A 198 -7.08 9.36 -0.30
C ILE A 198 -7.43 7.86 -0.34
N LEU A 199 -6.65 7.07 0.37
CA LEU A 199 -6.94 5.63 0.51
C LEU A 199 -8.32 5.40 1.18
N LEU A 200 -8.74 6.30 2.06
CA LEU A 200 -10.09 6.23 2.64
C LEU A 200 -11.14 6.43 1.56
N TYR A 201 -10.92 7.42 0.70
CA TYR A 201 -11.78 7.65 -0.47
C TYR A 201 -11.88 6.38 -1.31
N GLU A 202 -10.73 5.78 -1.61
CA GLU A 202 -10.69 4.52 -2.34
C GLU A 202 -11.54 3.41 -1.70
N ILE A 203 -11.48 3.32 -0.38
CA ILE A 203 -12.21 2.28 0.35
C ILE A 203 -13.71 2.53 0.26
N VAL A 204 -14.10 3.74 0.63
CA VAL A 204 -15.49 4.15 0.69
C VAL A 204 -16.20 3.95 -0.65
N THR A 205 -15.50 4.26 -1.73
CA THR A 205 -16.11 4.27 -3.06
C THR A 205 -16.02 2.91 -3.75
N TYR A 206 -15.39 1.95 -3.08
CA TYR A 206 -15.12 0.62 -3.65
C TYR A 206 -14.17 0.75 -4.85
N GLY A 207 -12.98 1.27 -4.59
CA GLY A 207 -11.87 1.26 -5.55
C GLY A 207 -11.97 2.18 -6.75
N LYS A 208 -12.63 3.32 -6.58
CA LYS A 208 -12.71 4.30 -7.64
C LYS A 208 -11.42 5.11 -7.70
N ILE A 209 -11.07 5.56 -8.89
CA ILE A 209 -9.91 6.43 -9.08
C ILE A 209 -10.18 7.78 -8.38
N PRO A 210 -9.17 8.31 -7.66
CA PRO A 210 -9.31 9.65 -7.09
C PRO A 210 -9.53 10.71 -8.17
N TYR A 211 -10.18 11.80 -7.80
CA TYR A 211 -10.42 12.92 -8.69
C TYR A 211 -10.90 12.44 -10.06
N PRO A 212 -12.11 11.84 -10.12
CA PRO A 212 -12.55 11.26 -11.39
C PRO A 212 -12.64 12.33 -12.45
N GLY A 213 -12.17 12.04 -13.66
CA GLY A 213 -12.22 13.03 -14.73
C GLY A 213 -11.07 14.00 -14.80
N ARG A 214 -10.23 14.05 -13.77
CA ARG A 214 -9.05 14.92 -13.77
C ARG A 214 -7.77 14.16 -14.07
N THR A 215 -6.91 14.74 -14.91
CA THR A 215 -5.59 14.18 -15.17
C THR A 215 -4.66 14.52 -14.01
N ASN A 216 -3.56 13.79 -13.86
CA ASN A 216 -2.52 14.11 -12.87
C ASN A 216 -2.18 15.60 -12.91
N ALA A 217 -2.03 16.13 -14.12
CA ALA A 217 -1.76 17.54 -14.34
C ALA A 217 -2.83 18.42 -13.68
N ASP A 218 -4.09 18.26 -14.12
CA ASP A 218 -5.22 19.01 -13.55
C ASP A 218 -5.18 19.06 -12.02
N VAL A 219 -4.82 17.93 -11.42
CA VAL A 219 -5.19 17.66 -10.03
C VAL A 219 -4.54 18.64 -9.07
N MET A 220 -3.72 19.54 -9.62
CA MET A 220 -2.35 19.69 -9.17
C MET A 220 -1.82 21.09 -9.47
N SER A 221 -2.24 21.64 -10.61
CA SER A 221 -3.01 22.88 -10.62
C SER A 221 -3.93 22.96 -9.40
N ALA A 222 -4.96 22.13 -9.38
CA ALA A 222 -6.14 22.37 -8.56
C ALA A 222 -5.78 22.32 -7.07
N LEU A 223 -4.82 21.48 -6.72
CA LEU A 223 -4.28 21.43 -5.37
C LEU A 223 -3.61 22.74 -4.97
N SER A 224 -2.81 23.30 -5.88
CA SER A 224 -2.16 24.58 -5.62
C SER A 224 -3.17 25.71 -5.39
N GLN A 225 -4.45 25.44 -5.71
CA GLN A 225 -5.53 26.41 -5.56
C GLN A 225 -6.48 26.04 -4.40
N GLY A 226 -6.06 25.10 -3.56
CA GLY A 226 -6.82 24.71 -2.37
C GLY A 226 -8.03 23.84 -2.66
N TYR A 227 -7.90 22.96 -3.64
CA TYR A 227 -9.00 22.07 -3.99
C TYR A 227 -8.95 20.79 -3.16
N ARG A 228 -10.12 20.39 -2.65
CA ARG A 228 -10.30 19.08 -2.03
C ARG A 228 -11.48 18.41 -2.69
N MET A 229 -11.43 17.07 -2.75
CA MET A 229 -12.55 16.28 -3.25
C MET A 229 -13.76 16.51 -2.35
N PRO A 230 -14.89 16.89 -2.97
CA PRO A 230 -16.11 17.12 -2.21
C PRO A 230 -16.61 15.82 -1.59
N ARG A 231 -17.27 15.94 -0.45
CA ARG A 231 -17.89 14.81 0.24
C ARG A 231 -18.61 13.91 -0.77
N MET A 232 -18.32 12.62 -0.68
CA MET A 232 -18.76 11.65 -1.67
C MET A 232 -20.04 10.95 -1.20
N GLU A 233 -20.88 10.56 -2.16
CA GLU A 233 -22.11 9.83 -1.87
C GLU A 233 -21.78 8.52 -1.16
N ASN A 234 -22.62 8.14 -0.20
CA ASN A 234 -22.45 6.91 0.61
C ASN A 234 -21.25 6.94 1.58
N CYS A 235 -20.86 8.15 1.98
CA CYS A 235 -19.81 8.37 2.98
C CYS A 235 -20.34 9.22 4.13
N PRO A 236 -20.38 8.65 5.35
CA PRO A 236 -20.89 9.35 6.53
C PRO A 236 -20.06 10.57 6.89
N ASP A 237 -20.72 11.60 7.43
CA ASP A 237 -20.07 12.85 7.81
C ASP A 237 -18.78 12.62 8.61
N GLU A 238 -18.88 11.79 9.66
CA GLU A 238 -17.77 11.54 10.58
C GLU A 238 -16.57 10.95 9.86
N LEU A 239 -16.83 10.13 8.85
CA LEU A 239 -15.77 9.53 8.05
C LEU A 239 -15.12 10.60 7.18
N TYR A 240 -15.94 11.40 6.53
CA TYR A 240 -15.46 12.50 5.70
C TYR A 240 -14.63 13.49 6.52
N ASP A 241 -14.99 13.66 7.79
CA ASP A 241 -14.23 14.52 8.72
C ASP A 241 -12.82 13.98 8.95
N ILE A 242 -12.71 12.66 9.01
CA ILE A 242 -11.42 11.98 9.13
C ILE A 242 -10.63 12.19 7.83
N MET A 243 -11.30 12.05 6.68
CA MET A 243 -10.65 12.33 5.39
C MET A 243 -10.19 13.78 5.34
N LYS A 244 -11.08 14.70 5.72
CA LYS A 244 -10.80 16.13 5.68
C LYS A 244 -9.60 16.47 6.56
N MET A 245 -9.49 15.77 7.68
CA MET A 245 -8.37 15.98 8.61
C MET A 245 -7.02 15.67 7.97
N CYS A 246 -6.96 14.54 7.26
CA CYS A 246 -5.75 14.09 6.57
C CYS A 246 -5.36 15.02 5.44
N TRP A 247 -6.26 15.92 5.04
CA TRP A 247 -5.98 16.81 3.93
C TRP A 247 -5.76 18.28 4.34
N LYS A 248 -5.55 18.52 5.63
CA LYS A 248 -5.28 19.87 6.09
C LYS A 248 -4.04 20.38 5.38
N GLU A 249 -4.13 21.58 4.80
CA GLU A 249 -3.06 22.19 4.03
C GLU A 249 -1.73 22.12 4.78
N LYS A 250 -1.71 22.63 6.00
CA LYS A 250 -0.50 22.59 6.83
C LYS A 250 -0.24 21.16 7.28
N ALA A 251 0.88 20.61 6.82
CA ALA A 251 1.28 19.24 7.14
C ALA A 251 1.34 19.00 8.65
N GLU A 252 1.81 20.00 9.38
CA GLU A 252 1.93 19.92 10.84
C GLU A 252 0.57 19.77 11.52
N GLU A 253 -0.48 20.20 10.83
CA GLU A 253 -1.84 20.22 11.41
C GLU A 253 -2.65 18.97 11.09
N ARG A 254 -1.99 17.96 10.50
CA ARG A 254 -2.62 16.67 10.19
C ARG A 254 -2.40 15.67 11.33
N PRO A 255 -3.33 14.71 11.50
CA PRO A 255 -3.27 13.85 12.69
C PRO A 255 -2.12 12.85 12.61
N THR A 256 -1.91 12.11 13.69
CA THR A 256 -0.97 11.00 13.68
C THR A 256 -1.76 9.77 13.28
N PHE A 257 -1.06 8.72 12.86
CA PHE A 257 -1.71 7.47 12.49
C PHE A 257 -2.27 6.74 13.72
N ASP A 258 -1.77 7.10 14.90
CA ASP A 258 -2.29 6.57 16.14
C ASP A 258 -3.68 7.15 16.43
N TYR A 259 -3.83 8.45 16.22
CA TYR A 259 -5.12 9.14 16.37
C TYR A 259 -6.12 8.59 15.37
N LEU A 260 -5.64 8.32 14.15
CA LEU A 260 -6.47 7.72 13.11
C LEU A 260 -6.97 6.34 13.50
N GLN A 261 -6.10 5.49 14.02
CA GLN A 261 -6.51 4.15 14.44
C GLN A 261 -7.51 4.21 15.59
N SER A 262 -7.27 5.10 16.55
CA SER A 262 -8.22 5.31 17.63
C SER A 262 -9.58 5.74 17.09
N VAL A 263 -9.59 6.90 16.42
CA VAL A 263 -10.82 7.49 15.91
C VAL A 263 -11.59 6.55 15.00
N LEU A 264 -10.88 5.71 14.25
CA LEU A 264 -11.49 4.73 13.34
C LEU A 264 -12.12 3.56 14.07
N ASP A 265 -11.46 3.04 15.10
CA ASP A 265 -12.04 1.98 15.95
C ASP A 265 -13.33 2.42 16.62
N ASP A 266 -13.50 3.74 16.79
CA ASP A 266 -14.69 4.32 17.43
C ASP A 266 -15.78 4.67 16.40
N PHE A 267 -16.41 3.63 15.85
CA PHE A 267 -17.59 3.80 14.99
C PHE A 267 -18.73 2.89 15.44
N TYR A 268 -18.38 1.70 15.95
CA TYR A 268 -19.30 0.74 16.60
C TYR A 268 -20.63 0.44 15.89
#